data_5IQO
#
_entry.id   5IQO
#
_cell.length_a   48.060
_cell.length_b   61.850
_cell.length_c   50.280
_cell.angle_alpha   90.00
_cell.angle_beta   109.12
_cell.angle_gamma   90.00
#
_symmetry.space_group_name_H-M   'P 1 21 1'
#
loop_
_entity.id
_entity.type
_entity.pdbx_description
1 polymer 'Protein FimG'
2 polymer 'Protein FimF'
3 non-polymer 'COBALT (II) ION'
4 non-polymer 1,2-ETHANEDIOL
5 non-polymer 'PENTAETHYLENE GLYCOL'
6 water water
#
loop_
_entity_poly.entity_id
_entity_poly.type
_entity_poly.pdbx_seq_one_letter_code
_entity_poly.pdbx_strand_id
1 'polypeptide(L)'
;AKPCTVSTTNATVDLGDLYSFSLMSAGAASAWHDVALELTNCPVGTSRVTASFSGAADSTGYYKNQGTAQNIQLELQDDS
GNTLNTGATKTVQVDDSSQSAHFPLQVRALTVNGGATQGTIEAVIEITYTYS
;
A,C
2 'polypeptide(L)' ADSRIRIRGYVRNNG B,D
#
loop_
_chem_comp.id
_chem_comp.type
_chem_comp.name
_chem_comp.formula
1PE non-polymer 'PENTAETHYLENE GLYCOL' 'C10 H22 O6'
CO non-polymer 'COBALT (II) ION' 'Co 2'
EDO non-polymer 1,2-ETHANEDIOL 'C2 H6 O2'
#
# COMPACT_ATOMS: atom_id res chain seq x y z
N ALA A 1 -18.20 1.18 21.51
CA ALA A 1 -18.99 1.85 20.48
C ALA A 1 -19.27 0.89 19.34
N LYS A 2 -20.21 1.26 18.47
CA LYS A 2 -20.56 0.43 17.32
C LYS A 2 -19.39 0.41 16.33
N PRO A 3 -19.18 -0.73 15.66
CA PRO A 3 -18.03 -0.82 14.75
C PRO A 3 -18.26 -0.17 13.40
N CYS A 4 -17.14 0.14 12.76
CA CYS A 4 -17.12 0.62 11.38
CA CYS A 4 -17.13 0.62 11.39
C CYS A 4 -17.06 -0.56 10.44
N THR A 5 -17.14 -0.27 9.15
CA THR A 5 -16.96 -1.27 8.12
C THR A 5 -15.51 -1.30 7.73
N VAL A 6 -14.90 -2.47 7.73
CA VAL A 6 -13.52 -2.60 7.30
C VAL A 6 -13.49 -2.54 5.78
N SER A 7 -12.83 -1.52 5.25
CA SER A 7 -12.68 -1.36 3.80
C SER A 7 -11.54 -2.19 3.25
N THR A 8 -10.39 -2.11 3.91
CA THR A 8 -9.20 -2.87 3.51
C THR A 8 -9.04 -4.12 4.38
N THR A 9 -9.67 -5.21 3.96
CA THR A 9 -9.58 -6.47 4.68
C THR A 9 -8.23 -7.15 4.46
N ASN A 10 -7.68 -6.96 3.27
CA ASN A 10 -6.36 -7.43 2.94
C ASN A 10 -5.63 -6.26 2.35
N ALA A 11 -4.38 -6.10 2.73
CA ALA A 11 -3.51 -5.13 2.12
C ALA A 11 -2.18 -5.79 1.87
N THR A 12 -1.56 -5.44 0.75
CA THR A 12 -0.27 -6.00 0.39
C THR A 12 0.74 -4.89 0.28
N VAL A 13 1.95 -5.17 0.70
CA VAL A 13 3.06 -4.29 0.40
C VAL A 13 4.16 -5.16 -0.19
N ASP A 14 4.66 -4.73 -1.34
CA ASP A 14 5.69 -5.43 -2.07
C ASP A 14 7.01 -4.68 -1.92
N LEU A 15 7.94 -5.26 -1.17
CA LEU A 15 9.27 -4.69 -1.00
C LEU A 15 10.09 -4.85 -2.27
N GLY A 16 9.61 -5.67 -3.19
CA GLY A 16 10.30 -5.87 -4.46
C GLY A 16 11.55 -6.71 -4.32
N ASP A 17 12.45 -6.54 -5.27
CA ASP A 17 13.69 -7.29 -5.30
C ASP A 17 14.73 -6.58 -4.45
N LEU A 18 15.21 -7.30 -3.46
CA LEU A 18 16.32 -6.85 -2.63
C LEU A 18 17.55 -7.67 -3.03
N TYR A 19 18.72 -7.21 -2.61
CA TYR A 19 19.96 -7.83 -3.05
C TYR A 19 20.79 -8.30 -1.88
N SER A 20 21.21 -9.55 -1.92
CA SER A 20 21.96 -10.13 -0.82
C SER A 20 23.22 -9.33 -0.46
N PHE A 21 23.93 -8.80 -1.45
CA PHE A 21 25.15 -8.05 -1.12
C PHE A 21 24.83 -6.80 -0.31
N SER A 22 23.70 -6.18 -0.64
CA SER A 22 23.28 -4.99 0.08
C SER A 22 22.76 -5.33 1.47
N LEU A 23 22.43 -6.60 1.70
CA LEU A 23 21.94 -7.06 3.01
C LEU A 23 22.93 -7.99 3.67
N MET A 24 24.22 -7.78 3.41
CA MET A 24 25.24 -8.63 3.98
C MET A 24 25.63 -8.17 5.38
N SER A 25 25.72 -6.87 5.59
CA SER A 25 26.17 -6.36 6.88
C SER A 25 25.02 -6.35 7.88
N ALA A 26 25.35 -6.67 9.13
CA ALA A 26 24.40 -6.48 10.20
C ALA A 26 23.91 -5.05 10.17
N GLY A 27 22.60 -4.88 10.34
CA GLY A 27 22.01 -3.55 10.32
C GLY A 27 21.61 -3.03 8.95
N ALA A 28 21.86 -3.78 7.89
CA ALA A 28 21.38 -3.38 6.57
C ALA A 28 19.86 -3.50 6.49
N ALA A 29 19.26 -2.68 5.65
CA ALA A 29 17.81 -2.67 5.49
C ALA A 29 17.39 -2.20 4.12
N SER A 30 16.17 -2.57 3.77
CA SER A 30 15.53 -1.96 2.62
C SER A 30 15.01 -0.57 2.93
N ALA A 31 14.59 0.11 1.88
CA ALA A 31 13.81 1.32 2.03
C ALA A 31 12.46 0.99 2.68
N TRP A 32 11.85 2.00 3.26
CA TRP A 32 10.49 1.93 3.74
C TRP A 32 9.51 1.91 2.58
N HIS A 33 8.47 1.11 2.73
CA HIS A 33 7.36 0.99 1.75
CA HIS A 33 7.39 1.09 1.74
C HIS A 33 6.04 1.21 2.44
N ASP A 34 5.16 1.99 1.83
CA ASP A 34 3.88 2.33 2.41
C ASP A 34 2.88 1.20 2.36
N VAL A 35 2.03 1.14 3.38
CA VAL A 35 0.82 0.35 3.33
C VAL A 35 -0.18 1.04 4.25
N ALA A 36 -1.46 0.93 3.98
CA ALA A 36 -2.46 1.61 4.79
C ALA A 36 -3.71 0.76 4.99
N LEU A 37 -4.39 1.04 6.10
CA LEU A 37 -5.64 0.38 6.43
C LEU A 37 -6.74 1.43 6.50
N GLU A 38 -7.95 1.06 6.09
CA GLU A 38 -9.05 2.02 6.08
C GLU A 38 -10.37 1.40 6.53
N LEU A 39 -11.11 2.17 7.31
CA LEU A 39 -12.47 1.83 7.74
C LEU A 39 -13.40 2.93 7.32
N THR A 40 -14.62 2.54 6.97
CA THR A 40 -15.61 3.46 6.44
C THR A 40 -16.95 3.23 7.14
N ASN A 41 -17.90 4.11 6.85
CA ASN A 41 -19.24 4.03 7.42
C ASN A 41 -19.21 3.93 8.91
N CYS A 42 -18.36 4.72 9.55
CA CYS A 42 -18.27 4.71 11.00
CA CYS A 42 -18.26 4.72 11.00
C CYS A 42 -19.54 5.33 11.59
N PRO A 43 -20.20 4.59 12.50
CA PRO A 43 -21.45 5.11 13.07
C PRO A 43 -21.25 6.36 13.90
N VAL A 44 -22.28 7.19 13.97
CA VAL A 44 -22.27 8.36 14.84
C VAL A 44 -22.04 7.86 16.25
N GLY A 45 -21.16 8.54 16.99
CA GLY A 45 -20.83 8.13 18.35
C GLY A 45 -19.52 7.36 18.46
N THR A 46 -19.09 6.77 17.35
CA THR A 46 -17.80 6.10 17.31
C THR A 46 -16.78 7.13 16.82
N SER A 47 -15.84 7.49 17.68
CA SER A 47 -14.90 8.56 17.39
C SER A 47 -13.45 8.12 17.36
N ARG A 48 -13.17 6.91 17.86
CA ARG A 48 -11.82 6.36 17.82
C ARG A 48 -11.80 4.91 17.39
N VAL A 49 -10.77 4.57 16.63
CA VAL A 49 -10.53 3.20 16.22
C VAL A 49 -9.14 2.83 16.69
N THR A 50 -9.04 1.69 17.38
CA THR A 50 -7.75 1.14 17.81
C THR A 50 -7.49 -0.13 17.03
N ALA A 51 -6.33 -0.18 16.39
CA ALA A 51 -5.84 -1.35 15.71
C ALA A 51 -4.85 -2.07 16.62
N SER A 52 -5.06 -3.38 16.81
CA SER A 52 -4.14 -4.23 17.55
C SER A 52 -3.47 -5.17 16.57
N PHE A 53 -2.15 -5.20 16.61
CA PHE A 53 -1.33 -5.92 15.63
C PHE A 53 -0.82 -7.20 16.24
N SER A 54 -0.79 -8.25 15.43
CA SER A 54 -0.18 -9.49 15.88
C SER A 54 0.42 -10.25 14.69
N GLY A 55 1.45 -11.02 14.98
CA GLY A 55 2.05 -11.86 13.96
C GLY A 55 3.24 -12.56 14.53
N ALA A 56 3.77 -13.53 13.80
CA ALA A 56 4.89 -14.31 14.32
C ALA A 56 6.15 -13.45 14.38
N ALA A 57 6.77 -13.38 15.54
CA ALA A 57 8.00 -12.65 15.72
C ALA A 57 9.16 -13.60 15.87
N ASP A 58 10.37 -13.13 15.60
CA ASP A 58 11.55 -13.93 15.84
C ASP A 58 12.34 -13.36 17.00
N SER A 59 13.56 -13.85 17.19
CA SER A 59 14.34 -13.49 18.37
C SER A 59 14.81 -12.05 18.39
N THR A 60 14.66 -11.33 17.29
CA THR A 60 14.95 -9.89 17.28
C THR A 60 13.76 -9.05 17.76
N GLY A 61 12.60 -9.68 17.91
CA GLY A 61 11.37 -9.00 18.25
C GLY A 61 10.56 -8.51 17.06
N TYR A 62 11.22 -8.38 15.92
CA TYR A 62 10.53 -8.00 14.69
C TYR A 62 9.74 -9.18 14.12
N TYR A 63 8.95 -8.92 13.09
CA TYR A 63 8.19 -9.98 12.46
C TYR A 63 9.11 -10.92 11.69
N LYS A 64 8.89 -12.22 11.86
CA LYS A 64 9.71 -13.25 11.25
C LYS A 64 9.38 -13.43 9.78
N ASN A 65 10.40 -13.59 8.95
CA ASN A 65 10.15 -13.97 7.57
C ASN A 65 9.69 -15.43 7.52
N GLN A 66 8.56 -15.68 6.87
CA GLN A 66 8.06 -17.03 6.65
C GLN A 66 8.40 -17.56 5.26
N GLY A 67 9.05 -16.71 4.45
CA GLY A 67 9.56 -17.13 3.15
C GLY A 67 10.88 -17.85 3.30
N THR A 68 11.57 -18.06 2.19
CA THR A 68 12.77 -18.90 2.19
C THR A 68 14.06 -18.10 2.43
N ALA A 69 14.04 -16.79 2.27
CA ALA A 69 15.21 -15.97 2.60
C ALA A 69 15.49 -16.01 4.08
N GLN A 70 16.73 -16.26 4.44
CA GLN A 70 17.12 -16.35 5.85
C GLN A 70 17.77 -15.06 6.32
N ASN A 71 17.69 -14.82 7.62
CA ASN A 71 18.34 -13.68 8.27
C ASN A 71 17.74 -12.35 7.83
N ILE A 72 16.44 -12.38 7.66
CA ILE A 72 15.74 -11.15 7.40
CA ILE A 72 15.62 -11.21 7.29
C ILE A 72 14.50 -11.09 8.29
N GLN A 73 14.27 -9.91 8.83
CA GLN A 73 13.05 -9.68 9.59
C GLN A 73 12.32 -8.49 9.00
N LEU A 74 11.08 -8.31 9.43
CA LEU A 74 10.23 -7.26 8.88
C LEU A 74 9.83 -6.33 9.99
N GLU A 75 9.97 -5.03 9.73
CA GLU A 75 9.57 -4.00 10.67
C GLU A 75 8.39 -3.20 10.14
N LEU A 76 7.34 -3.09 10.96
CA LEU A 76 6.16 -2.27 10.71
C LEU A 76 6.20 -1.05 11.62
N GLN A 77 5.96 0.13 11.05
CA GLN A 77 5.82 1.36 11.82
C GLN A 77 4.58 2.10 11.40
N ASP A 78 4.16 3.03 12.24
CA ASP A 78 3.15 4.01 11.86
C ASP A 78 3.81 5.18 11.13
N ASP A 79 3.16 6.32 11.05
CA ASP A 79 3.72 7.47 10.34
C ASP A 79 4.45 8.44 11.27
N SER A 80 4.67 8.03 12.51
CA SER A 80 5.17 8.91 13.55
C SER A 80 6.37 8.34 14.30
N GLY A 81 7.04 7.35 13.71
CA GLY A 81 8.24 6.77 14.30
C GLY A 81 8.00 5.71 15.34
N ASN A 82 6.78 5.19 15.42
CA ASN A 82 6.49 4.13 16.37
C ASN A 82 6.52 2.78 15.70
N THR A 83 7.31 1.86 16.26
CA THR A 83 7.36 0.49 15.76
C THR A 83 6.17 -0.26 16.33
N LEU A 84 5.55 -1.08 15.48
CA LEU A 84 4.34 -1.81 15.83
C LEU A 84 4.60 -3.31 15.76
N ASN A 85 5.49 -3.79 16.63
CA ASN A 85 5.77 -5.22 16.75
C ASN A 85 4.56 -5.94 17.33
N THR A 86 4.62 -7.26 17.38
CA THR A 86 3.43 -8.00 17.77
C THR A 86 2.93 -7.59 19.16
N GLY A 87 1.62 -7.38 19.25
CA GLY A 87 0.99 -6.91 20.48
C GLY A 87 0.80 -5.42 20.54
N ALA A 88 1.42 -4.66 19.65
CA ALA A 88 1.29 -3.21 19.62
C ALA A 88 -0.10 -2.77 19.25
N THR A 89 -0.45 -1.57 19.68
CA THR A 89 -1.68 -0.94 19.27
C THR A 89 -1.42 0.45 18.72
N LYS A 90 -2.36 0.92 17.91
CA LYS A 90 -2.36 2.26 17.37
C LYS A 90 -3.80 2.74 17.33
N THR A 91 -4.02 3.96 17.82
CA THR A 91 -5.36 4.55 17.83
C THR A 91 -5.39 5.80 16.98
N VAL A 92 -6.46 5.92 16.19
CA VAL A 92 -6.69 7.11 15.37
C VAL A 92 -8.11 7.61 15.57
N GLN A 93 -8.32 8.87 15.24
CA GLN A 93 -9.61 9.51 15.35
C GLN A 93 -10.41 9.26 14.07
N VAL A 94 -11.72 9.12 14.22
CA VAL A 94 -12.62 9.04 13.08
C VAL A 94 -12.80 10.43 12.51
N ASP A 95 -12.78 10.54 11.19
CA ASP A 95 -13.07 11.77 10.47
C ASP A 95 -14.59 11.86 10.27
N ASP A 96 -15.25 12.73 11.01
CA ASP A 96 -16.69 12.86 10.95
C ASP A 96 -17.19 13.28 9.57
N SER A 97 -16.40 14.07 8.86
CA SER A 97 -16.81 14.59 7.55
C SER A 97 -16.99 13.48 6.51
N SER A 98 -16.31 12.36 6.73
CA SER A 98 -16.37 11.25 5.79
C SER A 98 -16.76 9.95 6.47
N GLN A 99 -16.97 10.00 7.79
CA GLN A 99 -17.27 8.79 8.58
C GLN A 99 -16.27 7.67 8.29
N SER A 100 -15.00 8.02 8.24
CA SER A 100 -13.95 7.05 7.94
C SER A 100 -12.78 7.21 8.90
N ALA A 101 -11.95 6.17 8.94
CA ALA A 101 -10.72 6.17 9.72
C ALA A 101 -9.65 5.51 8.90
N HIS A 102 -8.41 5.99 8.99
CA HIS A 102 -7.34 5.31 8.29
C HIS A 102 -6.05 5.27 9.10
N PHE A 103 -5.23 4.27 8.80
CA PHE A 103 -3.95 4.03 9.46
C PHE A 103 -2.84 4.00 8.43
N PRO A 104 -2.07 5.10 8.29
CA PRO A 104 -0.95 5.10 7.37
C PRO A 104 0.27 4.45 8.00
N LEU A 105 0.81 3.42 7.37
CA LEU A 105 1.86 2.61 7.94
C LEU A 105 3.01 2.47 6.94
N GLN A 106 4.10 1.87 7.40
CA GLN A 106 5.23 1.61 6.53
C GLN A 106 5.96 0.37 7.01
N VAL A 107 6.58 -0.33 6.05
CA VAL A 107 7.27 -1.57 6.31
C VAL A 107 8.64 -1.55 5.65
N ARG A 108 9.62 -2.14 6.32
CA ARG A 108 10.91 -2.42 5.70
C ARG A 108 11.38 -3.79 6.12
N ALA A 109 12.27 -4.35 5.30
CA ALA A 109 13.04 -5.52 5.69
C ALA A 109 14.35 -5.04 6.28
N LEU A 110 14.82 -5.75 7.28
CA LEU A 110 16.14 -5.47 7.82
C LEU A 110 16.79 -6.77 8.26
N THR A 111 18.11 -6.77 8.29
CA THR A 111 18.85 -7.93 8.75
C THR A 111 19.64 -7.53 9.99
N VAL A 112 19.09 -7.86 11.15
CA VAL A 112 19.70 -7.46 12.40
C VAL A 112 21.09 -8.07 12.56
N ASN A 113 21.23 -9.35 12.20
CA ASN A 113 22.49 -10.06 12.38
C ASN A 113 23.34 -10.14 11.14
N GLY A 114 22.82 -9.71 9.98
CA GLY A 114 23.56 -9.73 8.73
C GLY A 114 23.45 -11.06 8.00
N GLY A 115 23.91 -11.06 6.75
CA GLY A 115 24.02 -12.28 5.99
C GLY A 115 22.70 -12.80 5.45
N ALA A 116 21.83 -11.90 5.02
CA ALA A 116 20.58 -12.32 4.39
C ALA A 116 20.87 -13.24 3.20
N THR A 117 20.05 -14.28 3.06
CA THR A 117 20.27 -15.26 2.00
C THR A 117 19.18 -15.17 0.96
N GLN A 118 19.41 -15.73 -0.22
CA GLN A 118 18.43 -15.62 -1.29
C GLN A 118 17.15 -16.37 -0.97
N GLY A 119 16.06 -15.82 -1.49
CA GLY A 119 14.78 -16.48 -1.38
C GLY A 119 13.65 -15.51 -1.19
N THR A 120 12.47 -16.04 -0.93
CA THR A 120 11.29 -15.21 -0.82
C THR A 120 11.18 -14.50 0.52
N ILE A 121 10.48 -13.37 0.47
CA ILE A 121 10.04 -12.68 1.67
C ILE A 121 8.53 -12.81 1.73
N GLU A 122 8.03 -13.32 2.84
CA GLU A 122 6.59 -13.52 3.05
C GLU A 122 6.29 -13.40 4.51
N ALA A 123 5.40 -12.49 4.88
CA ALA A 123 4.97 -12.38 6.26
C ALA A 123 3.55 -11.84 6.24
N VAL A 124 2.83 -12.14 7.31
CA VAL A 124 1.45 -11.68 7.47
C VAL A 124 1.30 -11.08 8.86
N ILE A 125 0.74 -9.89 8.90
CA ILE A 125 0.44 -9.22 10.17
C ILE A 125 -1.07 -9.11 10.25
N GLU A 126 -1.63 -9.57 11.37
CA GLU A 126 -3.07 -9.54 11.58
C GLU A 126 -3.46 -8.34 12.41
N ILE A 127 -4.62 -7.78 12.12
CA ILE A 127 -5.10 -6.59 12.80
C ILE A 127 -6.55 -6.82 13.25
N THR A 128 -6.82 -6.54 14.52
CA THR A 128 -8.16 -6.53 15.06
C THR A 128 -8.48 -5.12 15.53
N TYR A 129 -9.68 -4.64 15.21
CA TYR A 129 -10.09 -3.29 15.56
C TYR A 129 -11.00 -3.27 16.78
N THR A 130 -10.83 -2.26 17.62
CA THR A 130 -11.78 -1.98 18.69
C THR A 130 -12.18 -0.54 18.56
N TYR A 131 -13.36 -0.25 19.06
CA TYR A 131 -14.01 1.03 18.79
C TYR A 131 -14.42 1.68 20.09
N SER A 132 -14.23 3.00 20.17
CA SER A 132 -14.62 3.74 21.34
C SER A 132 -15.15 5.11 20.93
N ALA B 1 -8.94 -12.24 12.64
CA ALA B 1 -8.36 -10.99 12.12
C ALA B 1 -9.38 -10.20 11.29
N ASP B 2 -9.50 -8.91 11.54
CA ASP B 2 -10.33 -8.03 10.72
C ASP B 2 -9.63 -7.59 9.44
N SER B 3 -8.33 -7.35 9.55
CA SER B 3 -7.50 -7.05 8.39
C SER B 3 -6.22 -7.87 8.47
N ARG B 4 -5.57 -8.02 7.32
CA ARG B 4 -4.27 -8.67 7.23
C ARG B 4 -3.40 -7.86 6.30
N ILE B 5 -2.17 -7.63 6.72
CA ILE B 5 -1.14 -7.06 5.87
C ILE B 5 -0.21 -8.19 5.41
N ARG B 6 -0.12 -8.39 4.10
CA ARG B 6 0.81 -9.35 3.53
C ARG B 6 1.99 -8.62 2.99
N ILE B 7 3.17 -9.02 3.45
CA ILE B 7 4.44 -8.43 3.01
C ILE B 7 5.10 -9.39 2.05
N ARG B 8 5.49 -8.89 0.88
CA ARG B 8 6.09 -9.70 -0.18
C ARG B 8 7.43 -9.10 -0.57
N GLY B 9 8.27 -9.93 -1.18
CA GLY B 9 9.54 -9.46 -1.72
C GLY B 9 10.40 -10.66 -2.07
N TYR B 10 11.61 -10.39 -2.53
CA TYR B 10 12.54 -11.46 -2.86
C TYR B 10 13.94 -10.95 -2.65
N VAL B 11 14.80 -11.77 -2.04
CA VAL B 11 16.23 -11.48 -1.94
C VAL B 11 16.97 -12.21 -3.04
N ARG B 12 17.52 -11.44 -3.97
CA ARG B 12 18.27 -11.97 -5.09
C ARG B 12 19.73 -12.14 -4.71
N ASN B 13 20.36 -13.17 -5.27
CA ASN B 13 21.76 -13.44 -4.96
C ASN B 13 22.70 -12.66 -5.86
N ASN B 14 23.23 -11.56 -5.34
CA ASN B 14 24.33 -10.86 -6.01
C ASN B 14 25.59 -10.83 -5.14
N GLY B 15 25.79 -11.91 -4.37
CA GLY B 15 27.01 -12.09 -3.61
C GLY B 15 26.91 -11.61 -2.17
N ALA C 1 -9.60 -18.20 -20.44
CA ALA C 1 -9.07 -17.93 -19.10
C ALA C 1 -10.16 -17.49 -18.15
N LYS C 2 -10.20 -18.16 -17.00
CA LYS C 2 -11.16 -17.84 -15.95
C LYS C 2 -10.58 -16.82 -14.97
N PRO C 3 -11.46 -16.10 -14.26
CA PRO C 3 -10.98 -15.09 -13.33
C PRO C 3 -10.33 -15.65 -12.09
N CYS C 4 -9.44 -14.85 -11.53
CA CYS C 4 -8.83 -15.15 -10.25
CA CYS C 4 -8.83 -15.16 -10.25
C CYS C 4 -9.73 -14.59 -9.15
N THR C 5 -9.33 -14.78 -7.90
CA THR C 5 -10.02 -14.19 -6.76
C THR C 5 -9.32 -12.89 -6.38
N VAL C 6 -10.08 -11.80 -6.26
CA VAL C 6 -9.48 -10.51 -5.91
C VAL C 6 -9.24 -10.48 -4.40
N SER C 7 -7.99 -10.30 -4.00
CA SER C 7 -7.63 -10.22 -2.58
C SER C 7 -7.85 -8.82 -2.04
N THR C 8 -7.48 -7.82 -2.82
CA THR C 8 -7.54 -6.43 -2.43
C THR C 8 -8.63 -5.70 -3.21
N THR C 9 -9.84 -5.70 -2.66
CA THR C 9 -10.95 -5.00 -3.31
CA THR C 9 -10.96 -5.00 -3.28
C THR C 9 -10.83 -3.49 -3.10
N ASN C 10 -10.30 -3.09 -1.96
CA ASN C 10 -10.01 -1.69 -1.66
C ASN C 10 -8.58 -1.57 -1.21
N ALA C 11 -7.92 -0.52 -1.66
CA ALA C 11 -6.60 -0.18 -1.16
C ALA C 11 -6.57 1.33 -0.94
N THR C 12 -5.81 1.76 0.06
CA THR C 12 -5.62 3.16 0.37
C THR C 12 -4.16 3.51 0.36
N VAL C 13 -3.83 4.70 -0.13
CA VAL C 13 -2.51 5.24 -0.02
C VAL C 13 -2.64 6.65 0.52
N ASP C 14 -1.91 6.91 1.60
CA ASP C 14 -1.95 8.19 2.27
C ASP C 14 -0.65 8.92 2.02
N LEU C 15 -0.72 9.99 1.25
CA LEU C 15 0.45 10.83 0.95
C LEU C 15 0.83 11.69 2.14
N GLY C 16 -0.03 11.74 3.16
CA GLY C 16 0.28 12.47 4.37
C GLY C 16 0.23 13.97 4.17
N ASP C 17 0.89 14.68 5.07
CA ASP C 17 0.96 16.13 4.99
C ASP C 17 2.09 16.52 4.08
N LEU C 18 1.74 17.30 3.07
CA LEU C 18 2.70 17.87 2.13
C LEU C 18 2.74 19.36 2.36
N TYR C 19 3.90 19.96 2.20
CA TYR C 19 4.02 21.39 2.41
C TYR C 19 3.94 22.16 1.12
N SER C 20 3.10 23.17 1.11
CA SER C 20 2.83 23.91 -0.11
C SER C 20 4.11 24.57 -0.62
N PHE C 21 5.00 24.96 0.30
CA PHE C 21 6.31 25.52 -0.04
C PHE C 21 7.08 24.65 -1.01
N SER C 22 7.00 23.35 -0.79
CA SER C 22 7.72 22.37 -1.59
C SER C 22 7.03 22.08 -2.91
N LEU C 23 5.84 22.66 -3.10
CA LEU C 23 5.04 22.44 -4.29
C LEU C 23 4.72 23.77 -4.97
N MET C 24 5.65 24.73 -4.86
CA MET C 24 5.50 26.01 -5.54
C MET C 24 5.92 25.96 -7.02
N SER C 25 7.01 25.28 -7.31
CA SER C 25 7.54 25.29 -8.67
C SER C 25 6.83 24.29 -9.57
N ALA C 26 6.68 24.66 -10.83
CA ALA C 26 6.05 23.76 -11.79
C ALA C 26 6.87 22.50 -11.90
N GLY C 27 6.20 21.37 -11.82
CA GLY C 27 6.83 20.07 -11.90
C GLY C 27 7.20 19.48 -10.56
N ALA C 28 7.06 20.26 -9.49
CA ALA C 28 7.34 19.73 -8.16
C ALA C 28 6.38 18.59 -7.83
N ALA C 29 6.84 17.66 -6.99
CA ALA C 29 6.03 16.50 -6.64
C ALA C 29 6.39 15.95 -5.29
N SER C 30 5.47 15.20 -4.69
CA SER C 30 5.73 14.48 -3.45
C SER C 30 6.57 13.28 -3.77
N ALA C 31 7.10 12.65 -2.71
CA ALA C 31 7.69 11.34 -2.84
C ALA C 31 6.64 10.34 -3.33
N TRP C 32 7.12 9.30 -3.99
CA TRP C 32 6.27 8.18 -4.36
C TRP C 32 5.87 7.41 -3.12
N HIS C 33 4.61 6.99 -3.11
CA HIS C 33 4.05 6.15 -2.05
C HIS C 33 3.52 4.86 -2.65
N ASP C 34 3.87 3.74 -2.05
CA ASP C 34 3.46 2.43 -2.54
C ASP C 34 1.99 2.15 -2.35
N VAL C 35 1.42 1.42 -3.30
CA VAL C 35 0.14 0.79 -3.12
C VAL C 35 0.12 -0.44 -4.01
N ALA C 36 -0.54 -1.51 -3.57
CA ALA C 36 -0.51 -2.76 -4.30
C ALA C 36 -1.87 -3.41 -4.40
N LEU C 37 -2.06 -4.11 -5.52
CA LEU C 37 -3.25 -4.93 -5.74
C LEU C 37 -2.81 -6.37 -5.87
N GLU C 38 -3.62 -7.28 -5.34
CA GLU C 38 -3.29 -8.70 -5.40
C GLU C 38 -4.50 -9.57 -5.69
N LEU C 39 -4.25 -10.64 -6.44
CA LEU C 39 -5.23 -11.64 -6.77
C LEU C 39 -4.63 -13.00 -6.47
N THR C 40 -5.48 -13.96 -6.12
CA THR C 40 -5.01 -15.27 -5.73
C THR C 40 -5.84 -16.35 -6.39
N ASN C 41 -5.37 -17.58 -6.26
CA ASN C 41 -6.12 -18.74 -6.70
C ASN C 41 -6.52 -18.59 -8.17
N CYS C 42 -5.55 -18.20 -8.99
CA CYS C 42 -5.78 -18.06 -10.41
CA CYS C 42 -5.77 -18.06 -10.41
C CYS C 42 -5.93 -19.45 -11.02
N PRO C 43 -7.03 -19.68 -11.75
CA PRO C 43 -7.24 -21.03 -12.26
C PRO C 43 -6.23 -21.43 -13.30
N VAL C 44 -6.03 -22.74 -13.43
CA VAL C 44 -5.22 -23.26 -14.49
C VAL C 44 -5.72 -22.72 -15.83
N GLY C 45 -4.77 -22.25 -16.64
CA GLY C 45 -5.10 -21.64 -17.92
C GLY C 45 -5.02 -20.13 -17.89
N THR C 46 -5.05 -19.53 -16.70
CA THR C 46 -4.95 -18.08 -16.56
C THR C 46 -3.53 -17.76 -16.22
N SER C 47 -2.83 -17.12 -17.15
CA SER C 47 -1.43 -16.81 -16.94
C SER C 47 -1.09 -15.33 -16.93
N ARG C 48 -2.06 -14.47 -17.26
CA ARG C 48 -1.85 -13.03 -17.27
C ARG C 48 -3.09 -12.33 -16.76
N VAL C 49 -2.89 -11.29 -15.95
CA VAL C 49 -3.98 -10.49 -15.42
C VAL C 49 -3.75 -9.06 -15.89
N THR C 50 -4.77 -8.50 -16.53
CA THR C 50 -4.72 -7.14 -17.01
C THR C 50 -5.59 -6.26 -16.13
N ALA C 51 -4.99 -5.19 -15.61
CA ALA C 51 -5.73 -4.18 -14.88
C ALA C 51 -6.02 -3.00 -15.79
N SER C 52 -7.28 -2.58 -15.83
CA SER C 52 -7.69 -1.38 -16.57
C SER C 52 -8.08 -0.32 -15.55
N PHE C 53 -7.45 0.85 -15.68
CA PHE C 53 -7.60 1.93 -14.70
C PHE C 53 -8.52 3.02 -15.21
N SER C 54 -9.33 3.59 -14.33
CA SER C 54 -10.15 4.73 -14.71
C SER C 54 -10.39 5.62 -13.52
N GLY C 55 -10.51 6.92 -13.81
CA GLY C 55 -10.77 7.88 -12.77
C GLY C 55 -10.87 9.23 -13.42
N ALA C 56 -11.48 10.18 -12.73
CA ALA C 56 -11.60 11.51 -13.31
C ALA C 56 -10.21 12.15 -13.49
N ALA C 57 -9.95 12.60 -14.71
CA ALA C 57 -8.72 13.33 -15.04
C ALA C 57 -9.00 14.81 -15.12
N ASP C 58 -8.00 15.61 -14.82
CA ASP C 58 -8.14 17.05 -15.03
C ASP C 58 -7.48 17.44 -16.33
N SER C 59 -7.34 18.74 -16.58
CA SER C 59 -6.85 19.21 -17.87
C SER C 59 -5.39 18.83 -18.16
N THR C 60 -4.66 18.39 -17.13
CA THR C 60 -3.28 17.95 -17.34
C THR C 60 -3.20 16.51 -17.82
N GLY C 61 -4.32 15.79 -17.75
CA GLY C 61 -4.35 14.37 -18.06
C GLY C 61 -4.09 13.44 -16.89
N TYR C 62 -3.46 13.96 -15.84
CA TYR C 62 -3.30 13.20 -14.61
C TYR C 62 -4.62 13.14 -13.85
N TYR C 63 -4.68 12.35 -12.79
CA TYR C 63 -5.94 12.24 -12.05
C TYR C 63 -6.22 13.53 -11.29
N LYS C 64 -7.47 13.94 -11.37
CA LYS C 64 -7.93 15.18 -10.74
C LYS C 64 -7.96 15.05 -9.22
N ASN C 65 -7.57 16.11 -8.54
CA ASN C 65 -7.79 16.17 -7.10
C ASN C 65 -9.26 16.51 -6.82
N GLN C 66 -9.95 15.60 -6.16
CA GLN C 66 -11.33 15.84 -5.76
C GLN C 66 -11.40 16.62 -4.44
N GLY C 67 -10.26 16.70 -3.76
CA GLY C 67 -10.13 17.51 -2.56
C GLY C 67 -10.00 18.98 -2.92
N THR C 68 -9.63 19.79 -1.93
CA THR C 68 -9.67 21.23 -2.10
C THR C 68 -8.34 21.88 -2.43
N ALA C 69 -7.23 21.17 -2.29
CA ALA C 69 -5.95 21.75 -2.66
C ALA C 69 -5.95 22.03 -4.15
N GLN C 70 -5.54 23.24 -4.54
CA GLN C 70 -5.56 23.64 -5.94
C GLN C 70 -4.20 23.42 -6.58
N ASN C 71 -4.20 23.28 -7.90
CA ASN C 71 -2.98 23.09 -8.69
C ASN C 71 -2.21 21.86 -8.26
N ILE C 72 -2.96 20.81 -7.93
CA ILE C 72 -2.42 19.51 -7.53
C ILE C 72 -3.14 18.46 -8.33
N GLN C 73 -2.38 17.53 -8.89
CA GLN C 73 -2.95 16.35 -9.52
C GLN C 73 -2.28 15.11 -8.93
N LEU C 74 -2.82 13.94 -9.27
CA LEU C 74 -2.32 12.67 -8.75
C LEU C 74 -1.83 11.82 -9.89
N GLU C 75 -0.67 11.20 -9.68
CA GLU C 75 -0.06 10.35 -10.67
C GLU C 75 0.12 8.96 -10.13
N LEU C 76 -0.34 8.00 -10.92
CA LEU C 76 -0.16 6.58 -10.65
C LEU C 76 0.88 6.04 -11.63
N GLN C 77 1.87 5.31 -11.13
CA GLN C 77 2.82 4.59 -11.99
C GLN C 77 2.92 3.14 -11.57
N ASP C 78 3.45 2.31 -12.46
CA ASP C 78 3.86 0.96 -12.09
C ASP C 78 5.27 0.99 -11.52
N ASP C 79 5.94 -0.15 -11.47
CA ASP C 79 7.27 -0.24 -10.88
C ASP C 79 8.38 -0.04 -11.91
N SER C 80 7.98 0.39 -13.10
CA SER C 80 8.89 0.49 -14.23
C SER C 80 8.84 1.86 -14.92
N GLY C 81 8.24 2.84 -14.26
CA GLY C 81 8.25 4.20 -14.78
C GLY C 81 7.12 4.53 -15.72
N ASN C 82 6.16 3.63 -15.88
CA ASN C 82 5.04 3.85 -16.79
C ASN C 82 3.89 4.51 -16.06
N THR C 83 3.45 5.65 -16.58
CA THR C 83 2.31 6.37 -16.03
C THR C 83 1.03 5.67 -16.45
N LEU C 84 0.10 5.56 -15.51
CA LEU C 84 -1.14 4.82 -15.69
C LEU C 84 -2.32 5.77 -15.49
N ASN C 85 -2.44 6.74 -16.38
CA ASN C 85 -3.57 7.67 -16.35
C ASN C 85 -4.86 6.96 -16.75
N THR C 86 -5.97 7.68 -16.66
CA THR C 86 -7.25 7.05 -16.92
C THR C 86 -7.29 6.43 -18.30
N GLY C 87 -7.77 5.19 -18.38
CA GLY C 87 -7.81 4.45 -19.62
C GLY C 87 -6.61 3.55 -19.83
N ALA C 88 -5.56 3.71 -19.02
CA ALA C 88 -4.36 2.91 -19.14
C ALA C 88 -4.62 1.48 -18.71
N THR C 89 -3.76 0.58 -19.17
CA THR C 89 -3.76 -0.79 -18.68
C THR C 89 -2.37 -1.22 -18.28
N LYS C 90 -2.32 -2.19 -17.39
CA LYS C 90 -1.08 -2.83 -16.98
C LYS C 90 -1.36 -4.31 -16.88
N THR C 91 -0.51 -5.13 -17.48
CA THR C 91 -0.63 -6.57 -17.38
C THR C 91 0.55 -7.16 -16.63
N VAL C 92 0.26 -8.07 -15.71
CA VAL C 92 1.27 -8.86 -15.02
C VAL C 92 1.11 -10.34 -15.30
N GLN C 93 2.21 -11.07 -15.16
CA GLN C 93 2.19 -12.51 -15.26
C GLN C 93 1.73 -13.11 -13.94
N VAL C 94 0.89 -14.14 -14.03
CA VAL C 94 0.58 -14.96 -12.88
C VAL C 94 1.81 -15.78 -12.52
N ASP C 95 2.16 -15.80 -11.24
CA ASP C 95 3.24 -16.64 -10.76
C ASP C 95 2.81 -18.09 -10.91
N ASP C 96 3.61 -18.89 -11.61
CA ASP C 96 3.17 -20.24 -11.95
C ASP C 96 3.16 -21.18 -10.75
N SER C 97 3.99 -20.89 -9.76
CA SER C 97 4.04 -21.74 -8.58
CA SER C 97 4.05 -21.73 -8.57
C SER C 97 2.90 -21.43 -7.60
N SER C 98 2.58 -20.16 -7.39
CA SER C 98 1.58 -19.81 -6.39
C SER C 98 0.21 -19.56 -6.99
N GLN C 99 0.15 -19.45 -8.30
CA GLN C 99 -1.09 -19.08 -9.00
C GLN C 99 -1.68 -17.80 -8.42
N SER C 100 -0.81 -16.81 -8.21
CA SER C 100 -1.25 -15.50 -7.73
C SER C 100 -0.64 -14.44 -8.61
N ALA C 101 -1.21 -13.25 -8.54
CA ALA C 101 -0.73 -12.12 -9.31
C ALA C 101 -0.75 -10.88 -8.44
N HIS C 102 0.21 -9.99 -8.64
CA HIS C 102 0.18 -8.74 -7.90
C HIS C 102 0.69 -7.58 -8.75
N PHE C 103 0.17 -6.41 -8.42
CA PHE C 103 0.49 -5.15 -9.08
C PHE C 103 1.13 -4.20 -8.06
N PRO C 104 2.46 -4.07 -8.08
CA PRO C 104 3.10 -3.11 -7.20
C PRO C 104 3.13 -1.77 -7.90
N LEU C 105 2.36 -0.85 -7.36
CA LEU C 105 2.18 0.46 -7.95
C LEU C 105 2.70 1.56 -7.03
N GLN C 106 2.68 2.77 -7.55
CA GLN C 106 3.09 3.89 -6.73
CA GLN C 106 3.28 3.95 -6.91
C GLN C 106 2.35 5.14 -7.15
N VAL C 107 2.11 5.97 -6.14
CA VAL C 107 1.33 7.19 -6.31
C VAL C 107 2.10 8.40 -5.76
N ARG C 108 1.97 9.54 -6.44
CA ARG C 108 2.45 10.79 -5.87
C ARG C 108 1.49 11.91 -6.21
N ALA C 109 1.60 12.99 -5.46
CA ALA C 109 0.99 14.23 -5.86
C ALA C 109 1.99 15.03 -6.66
N LEU C 110 1.51 15.70 -7.68
CA LEU C 110 2.39 16.59 -8.41
C LEU C 110 1.66 17.84 -8.79
N THR C 111 2.40 18.92 -8.89
CA THR C 111 1.86 20.15 -9.38
C THR C 111 2.45 20.45 -10.77
N VAL C 112 1.67 20.16 -11.80
CA VAL C 112 2.15 20.35 -13.15
C VAL C 112 2.52 21.81 -13.42
N ASN C 113 1.67 22.73 -12.98
CA ASN C 113 1.89 24.17 -13.22
C ASN C 113 2.50 24.96 -12.07
N GLY C 114 2.61 24.33 -10.90
CA GLY C 114 3.12 25.04 -9.73
C GLY C 114 2.02 25.75 -8.96
N GLY C 115 2.41 26.34 -7.84
CA GLY C 115 1.48 27.13 -7.05
C GLY C 115 0.43 26.31 -6.33
N ALA C 116 0.78 25.13 -5.83
CA ALA C 116 -0.19 24.35 -5.08
C ALA C 116 -0.68 25.13 -3.87
N THR C 117 -1.95 24.99 -3.55
CA THR C 117 -2.54 25.64 -2.39
C THR C 117 -2.96 24.65 -1.33
N GLN C 118 -3.14 25.17 -0.13
CA GLN C 118 -3.53 24.37 1.02
C GLN C 118 -4.91 23.75 0.83
N GLY C 119 -5.03 22.49 1.22
CA GLY C 119 -6.32 21.83 1.26
C GLY C 119 -6.15 20.34 1.16
N THR C 120 -7.28 19.65 1.07
CA THR C 120 -7.25 18.20 1.05
C THR C 120 -6.83 17.64 -0.30
N ILE C 121 -6.29 16.42 -0.24
CA ILE C 121 -6.06 15.60 -1.41
C ILE C 121 -6.95 14.38 -1.30
N GLU C 122 -7.75 14.14 -2.33
CA GLU C 122 -8.69 13.02 -2.35
C GLU C 122 -8.87 12.59 -3.80
N ALA C 123 -8.75 11.30 -4.07
CA ALA C 123 -9.07 10.77 -5.39
C ALA C 123 -9.34 9.28 -5.25
N VAL C 124 -10.08 8.74 -6.21
CA VAL C 124 -10.33 7.31 -6.29
C VAL C 124 -10.06 6.85 -7.71
N ILE C 125 -9.27 5.78 -7.83
CA ILE C 125 -9.00 5.16 -9.12
C ILE C 125 -9.68 3.80 -9.09
N GLU C 126 -10.47 3.50 -10.12
CA GLU C 126 -11.16 2.22 -10.23
C GLU C 126 -10.41 1.28 -11.13
N ILE C 127 -10.41 0.01 -10.77
CA ILE C 127 -9.69 -1.00 -11.53
C ILE C 127 -10.64 -2.15 -11.90
N THR C 128 -10.59 -2.56 -13.16
CA THR C 128 -11.31 -3.74 -13.64
CA THR C 128 -11.29 -3.77 -13.57
C THR C 128 -10.27 -4.71 -14.19
N TYR C 129 -10.41 -5.99 -13.85
CA TYR C 129 -9.50 -7.02 -14.31
C TYR C 129 -10.05 -7.83 -15.46
N THR C 130 -9.17 -8.17 -16.39
CA THR C 130 -9.45 -9.16 -17.44
C THR C 130 -8.31 -10.17 -17.44
N TYR C 131 -8.59 -11.35 -17.99
CA TYR C 131 -7.76 -12.51 -17.79
C TYR C 131 -7.43 -13.14 -19.12
N SER C 132 -6.19 -13.62 -19.26
CA SER C 132 -5.78 -14.30 -20.46
C SER C 132 -4.70 -15.32 -20.15
N ALA D 1 -16.58 -1.80 -10.56
CA ALA D 1 -15.10 -2.01 -10.45
C ALA D 1 -14.80 -3.23 -9.60
N ASP D 2 -13.64 -3.84 -9.86
CA ASP D 2 -13.18 -4.98 -9.08
C ASP D 2 -12.33 -4.54 -7.90
N SER D 3 -11.55 -3.48 -8.09
CA SER D 3 -10.77 -2.87 -7.02
C SER D 3 -10.87 -1.37 -7.11
N ARG D 4 -10.58 -0.70 -6.01
CA ARG D 4 -10.53 0.76 -5.96
C ARG D 4 -9.33 1.15 -5.13
N ILE D 5 -8.59 2.13 -5.63
CA ILE D 5 -7.52 2.76 -4.87
C ILE D 5 -7.98 4.13 -4.43
N ARG D 6 -8.00 4.35 -3.11
CA ARG D 6 -8.28 5.66 -2.55
C ARG D 6 -7.00 6.36 -2.16
N ILE D 7 -6.85 7.59 -2.65
CA ILE D 7 -5.68 8.40 -2.37
C ILE D 7 -6.10 9.51 -1.43
N ARG D 8 -5.30 9.69 -0.38
CA ARG D 8 -5.53 10.67 0.68
C ARG D 8 -4.29 11.53 0.87
N GLY D 9 -4.48 12.70 1.44
CA GLY D 9 -3.38 13.56 1.80
C GLY D 9 -3.87 14.94 2.15
N TYR D 10 -2.93 15.82 2.50
CA TYR D 10 -3.25 17.20 2.83
C TYR D 10 -2.07 18.07 2.45
N VAL D 11 -2.34 19.18 1.78
CA VAL D 11 -1.33 20.18 1.50
C VAL D 11 -1.46 21.27 2.57
N ARG D 12 -0.38 21.55 3.29
CA ARG D 12 -0.39 22.48 4.41
C ARG D 12 0.50 23.66 4.10
N ASN D 13 0.02 24.86 4.43
CA ASN D 13 0.87 26.06 4.43
C ASN D 13 1.85 26.09 5.59
N ASN D 14 3.02 26.69 5.37
CO CO E . 6.52 -8.41 -6.69
CO CO F . 10.35 -1.01 -3.55
CO CO G . 8.15 2.31 -2.02
CO CO H . -3.89 10.56 6.87
C1 EDO I . 20.01 -9.31 -10.40
O1 EDO I . 19.93 -8.06 -11.08
C2 EDO I . 21.43 -9.74 -10.01
O2 EDO I . 21.39 -11.11 -9.56
H11 EDO I . 19.40 -9.26 -9.50
H12 EDO I . 19.58 -10.08 -11.04
HO1 EDO I . 19.01 -7.86 -11.29
H21 EDO I . 21.81 -9.09 -9.22
H22 EDO I . 22.10 -9.64 -10.87
HO2 EDO I . 22.27 -11.39 -9.31
CO CO J . 4.57 9.80 3.12
OH2 1PE K . -12.13 -20.23 -20.32
C12 1PE K . -11.24 -20.81 -19.38
C22 1PE K . -10.21 -21.70 -20.08
OH3 1PE K . -8.95 -21.03 -20.17
C13 1PE K . -6.95 -20.53 -21.40
C23 1PE K . -8.10 -21.51 -21.23
OH4 1PE K . -7.43 -19.33 -22.06
C14 1PE K . -7.01 -17.29 -23.33
C24 1PE K . -6.38 -18.43 -22.48
OH5 1PE K . -7.95 -16.58 -22.51
C15 1PE K . -9.75 -15.03 -22.31
C25 1PE K . -8.77 -15.67 -23.26
OH6 1PE K . -10.76 -15.97 -21.97
C16 1PE K . -13.04 -16.45 -21.27
C26 1PE K . -11.94 -15.37 -21.42
OH7 1PE K . -14.04 -16.24 -22.24
HO2 1PE K . -12.99 -20.39 -20.06
H121 1PE K . -10.76 -20.06 -18.88
H122 1PE K . -11.76 -21.34 -18.72
H221 1PE K . -10.54 -21.91 -21.00
H222 1PE K . -10.10 -22.55 -19.56
H131 1PE K . -6.59 -20.29 -20.51
H132 1PE K . -6.23 -20.93 -21.93
H231 1PE K . -8.62 -21.55 -22.07
H232 1PE K . -7.76 -22.39 -21.02
H141 1PE K . -7.47 -17.66 -24.10
H142 1PE K . -6.31 -16.67 -23.64
H241 1PE K . -5.93 -18.05 -21.67
H242 1PE K . -5.73 -18.92 -23.02
H151 1PE K . -9.28 -14.75 -21.50
H152 1PE K . -10.15 -14.25 -22.73
H251 1PE K . -8.21 -14.98 -23.68
H252 1PE K . -9.26 -16.16 -23.94
H161 1PE K . -12.65 -17.33 -21.39
H162 1PE K . -13.44 -16.39 -20.37
H261 1PE K . -11.72 -14.98 -20.54
H262 1PE K . -12.24 -14.68 -22.02
HO7 1PE K . -14.66 -16.91 -22.20
#